data_8CGM
#
_entry.id   8CGM
#
_cell.length_a   48.810
_cell.length_b   76.463
_cell.length_c   99.436
_cell.angle_alpha   90.00
_cell.angle_beta   90.00
_cell.angle_gamma   90.00
#
_symmetry.space_group_name_H-M   'P 21 21 21'
#
loop_
_entity.id
_entity.type
_entity.pdbx_description
1 polymer 'Outer membrane lipoprotein carrier protein LolA'
2 non-polymer '2-(N-MORPHOLINO)-ETHANESULFONIC ACID'
3 non-polymer GLYCEROL
4 non-polymer 'FORMIC ACID'
5 water water
#
_entity_poly.entity_id   1
_entity_poly.type   'polypeptide(L)'
_entity_poly.pdbx_seq_one_letter_code
;(MSE)KHHHHHHP(MSE)SDYDIPTTENLYFQGA(MSE)QRTAEGELQAAAKHLANPDGTRIDFQAETIAPND(MSE)GS
SPLSSGSLILKGNQFRLSFGSITAVFDGKKTLSYYDASENTLNISHPTNAELA(MSE)INPLIILTRSEAGYRTA(MSE)
LPPTKGGKVIGLTPKTANGIKQIELQVDSRDSRPTGA(MSE)ITLEDGTKIVTKITGISRTKASPGLFRL(MSE)KKDYP
GVEVVDLR
;
_entity_poly.pdbx_strand_id   A,B
#
loop_
_chem_comp.id
_chem_comp.type
_chem_comp.name
_chem_comp.formula
FMT non-polymer 'FORMIC ACID' 'C H2 O2'
GOL non-polymer GLYCEROL 'C3 H8 O3'
MES non-polymer '2-(N-MORPHOLINO)-ETHANESULFONIC ACID' 'C6 H13 N O4 S'
#
# COMPACT_ATOMS: atom_id res chain seq x y z
N MSE A 27 1.53 -21.59 32.46
CA MSE A 27 1.32 -20.16 32.89
C MSE A 27 1.32 -19.26 31.67
O MSE A 27 1.95 -19.56 30.67
CB MSE A 27 2.44 -19.73 33.84
CG MSE A 27 2.26 -18.31 34.33
SE MSE A 27 0.51 -17.91 35.12
CE MSE A 27 0.63 -19.03 36.71
N GLN A 28 0.57 -18.15 31.73
CA GLN A 28 0.34 -17.34 30.54
C GLN A 28 0.40 -15.88 30.86
N ARG A 29 0.97 -15.11 29.96
CA ARG A 29 1.20 -13.71 30.23
C ARG A 29 -0.07 -12.89 30.38
N THR A 30 0.03 -11.83 31.18
CA THR A 30 -1.01 -10.82 31.28
C THR A 30 -1.14 -10.07 29.95
N ALA A 31 -2.22 -9.29 29.83
CA ALA A 31 -2.43 -8.50 28.62
C ALA A 31 -1.30 -7.50 28.43
N GLU A 32 -0.95 -6.77 29.48
CA GLU A 32 0.21 -5.88 29.43
C GLU A 32 1.47 -6.62 28.99
N GLY A 33 1.69 -7.82 29.54
CA GLY A 33 2.85 -8.60 29.12
C GLY A 33 2.83 -8.93 27.64
N GLU A 34 1.65 -9.31 27.12
CA GLU A 34 1.54 -9.65 25.70
C GLU A 34 1.71 -8.40 24.84
N LEU A 35 1.18 -7.26 25.29
CA LEU A 35 1.38 -6.02 24.55
C LEU A 35 2.87 -5.69 24.41
N GLN A 36 3.65 -5.89 25.48
CA GLN A 36 5.06 -5.53 25.41
C GLN A 36 5.85 -6.57 24.64
N ALA A 37 5.35 -7.80 24.55
CA ALA A 37 5.99 -8.79 23.69
C ALA A 37 5.68 -8.51 22.23
N ALA A 38 4.48 -7.99 21.94
CA ALA A 38 4.15 -7.67 20.56
C ALA A 38 4.97 -6.47 20.07
N ALA A 39 5.26 -5.52 20.96
CA ALA A 39 6.00 -4.33 20.53
C ALA A 39 7.39 -4.68 20.04
N LYS A 40 7.97 -5.79 20.53
CA LYS A 40 9.31 -6.17 20.11
C LYS A 40 9.41 -6.37 18.60
N HIS A 41 8.31 -6.79 17.97
CA HIS A 41 8.31 -7.03 16.53
C HIS A 41 8.44 -5.76 15.72
N LEU A 42 8.28 -4.59 16.35
CA LEU A 42 8.36 -3.31 15.66
C LEU A 42 9.61 -2.53 16.05
N ALA A 43 10.60 -3.20 16.62
CA ALA A 43 11.73 -2.52 17.24
C ALA A 43 12.97 -2.49 16.36
N ASN A 44 12.88 -2.88 15.09
CA ASN A 44 14.03 -2.79 14.21
C ASN A 44 14.53 -1.35 14.21
N PRO A 45 15.77 -1.09 14.63
CA PRO A 45 16.21 0.31 14.72
C PRO A 45 16.14 1.08 13.41
N ASP A 46 16.45 0.43 12.29
CA ASP A 46 16.47 1.11 11.00
C ASP A 46 15.08 1.33 10.42
N GLY A 47 14.06 0.71 10.99
CA GLY A 47 12.70 0.88 10.50
C GLY A 47 11.95 -0.40 10.26
N THR A 48 10.62 -0.31 10.24
CA THR A 48 9.73 -1.43 10.03
C THR A 48 8.68 -1.05 9.01
N ARG A 49 8.40 -1.97 8.09
CA ARG A 49 7.33 -1.80 7.10
C ARG A 49 6.19 -2.73 7.44
N ILE A 50 4.96 -2.20 7.47
CA ILE A 50 3.76 -2.99 7.72
C ILE A 50 2.83 -2.83 6.52
N ASP A 51 2.47 -3.95 5.89
CA ASP A 51 1.48 -3.98 4.85
C ASP A 51 0.17 -4.45 5.43
N PHE A 52 -0.93 -3.83 5.03
CA PHE A 52 -2.22 -4.16 5.64
C PHE A 52 -3.37 -3.90 4.68
N GLN A 53 -4.52 -4.45 5.05
CA GLN A 53 -5.81 -4.11 4.46
C GLN A 53 -6.69 -3.55 5.57
N ALA A 54 -7.51 -2.56 5.24
CA ALA A 54 -8.36 -1.95 6.26
C ALA A 54 -9.70 -1.57 5.67
N GLU A 55 -10.70 -1.56 6.55
CA GLU A 55 -12.09 -1.26 6.21
C GLU A 55 -12.67 -0.49 7.39
N THR A 56 -13.53 0.47 7.11
CA THR A 56 -14.27 1.18 8.14
C THR A 56 -15.74 0.89 7.93
N ILE A 57 -16.37 0.30 8.94
CA ILE A 57 -17.78 -0.06 8.91
C ILE A 57 -18.52 0.95 9.78
N ALA A 58 -19.29 1.81 9.14
CA ALA A 58 -19.97 2.90 9.82
C ALA A 58 -21.28 2.39 10.43
N PRO A 59 -21.81 3.11 11.42
CA PRO A 59 -23.07 2.68 12.03
C PRO A 59 -24.15 2.47 10.97
N ASN A 60 -24.88 1.37 11.09
CA ASN A 60 -25.90 0.96 10.14
C ASN A 60 -25.35 0.80 8.73
N ASP A 61 -24.03 0.67 8.61
CA ASP A 61 -23.35 0.50 7.32
C ASP A 61 -23.65 1.65 6.37
N MSE A 62 -23.92 2.82 6.92
CA MSE A 62 -24.17 4.01 6.10
C MSE A 62 -22.93 4.89 6.09
O MSE A 62 -22.52 5.44 7.12
CB MSE A 62 -25.39 4.79 6.63
CG MSE A 62 -26.67 4.00 6.56
SE MSE A 62 -27.32 3.83 4.72
CE MSE A 62 -27.59 5.72 4.30
N GLY A 63 -22.34 5.02 4.90
CA GLY A 63 -21.11 5.76 4.74
C GLY A 63 -19.87 5.00 5.13
N SER A 64 -19.88 3.68 4.96
CA SER A 64 -18.71 2.86 5.23
C SER A 64 -17.68 3.03 4.11
N SER A 65 -16.44 2.72 4.43
CA SER A 65 -15.41 2.73 3.38
C SER A 65 -15.00 1.30 3.05
N PRO A 66 -14.80 0.99 1.77
CA PRO A 66 -14.55 -0.40 1.39
C PRO A 66 -13.17 -0.87 1.82
N LEU A 67 -13.04 -2.20 1.89
CA LEU A 67 -11.75 -2.81 2.18
C LEU A 67 -10.75 -2.44 1.10
N SER A 68 -9.60 -1.90 1.51
CA SER A 68 -8.56 -1.56 0.56
C SER A 68 -7.21 -1.66 1.26
N SER A 69 -6.14 -1.39 0.51
CA SER A 69 -4.79 -1.74 0.93
C SER A 69 -3.99 -0.51 1.32
N GLY A 70 -3.01 -0.74 2.18
CA GLY A 70 -2.15 0.31 2.67
C GLY A 70 -0.85 -0.17 3.20
N SER A 71 -0.04 0.79 3.57
CA SER A 71 1.25 0.47 4.18
C SER A 71 1.63 1.51 5.24
N LEU A 72 2.40 1.06 6.23
CA LEU A 72 2.93 1.94 7.27
C LEU A 72 4.43 1.68 7.34
N ILE A 73 5.20 2.75 7.38
CA ILE A 73 6.63 2.70 7.66
C ILE A 73 6.83 3.33 9.03
N LEU A 74 7.45 2.59 9.94
CA LEU A 74 7.72 3.07 11.29
C LEU A 74 9.22 3.25 11.51
N LYS A 75 9.59 4.35 12.16
CA LYS A 75 10.96 4.52 12.62
C LYS A 75 10.90 5.30 13.92
N GLY A 76 11.27 4.67 15.02
CA GLY A 76 11.12 5.33 16.31
C GLY A 76 9.67 5.65 16.55
N ASN A 77 9.39 6.93 16.80
CA ASN A 77 8.02 7.39 16.97
C ASN A 77 7.43 8.01 15.71
N GLN A 78 8.19 8.04 14.63
CA GLN A 78 7.73 8.59 13.34
C GLN A 78 7.01 7.50 12.53
N PHE A 79 6.05 7.89 11.72
CA PHE A 79 5.49 6.93 10.79
C PHE A 79 5.05 7.64 9.51
N ARG A 80 5.03 6.88 8.42
CA ARG A 80 4.57 7.33 7.11
C ARG A 80 3.44 6.36 6.76
N LEU A 81 2.24 6.86 6.54
CA LEU A 81 1.07 6.06 6.22
C LEU A 81 0.62 6.32 4.79
N SER A 82 0.44 5.24 4.02
N SER A 82 0.42 5.24 4.04
CA SER A 82 -0.09 5.33 2.64
CA SER A 82 -0.09 5.34 2.65
C SER A 82 -1.40 4.53 2.63
C SER A 82 -1.39 4.53 2.62
N PHE A 83 -2.52 5.20 2.46
CA PHE A 83 -3.82 4.54 2.47
C PHE A 83 -4.84 5.43 1.79
N GLY A 84 -5.74 4.80 1.02
CA GLY A 84 -6.75 5.58 0.33
C GLY A 84 -6.07 6.50 -0.65
N SER A 85 -6.45 7.77 -0.64
CA SER A 85 -5.79 8.78 -1.46
C SER A 85 -4.76 9.59 -0.69
N ILE A 86 -4.35 9.14 0.50
CA ILE A 86 -3.60 9.98 1.42
C ILE A 86 -2.21 9.40 1.65
N THR A 87 -1.23 10.31 1.71
CA THR A 87 0.11 10.05 2.19
C THR A 87 0.29 10.92 3.42
N ALA A 88 0.50 10.30 4.58
CA ALA A 88 0.58 11.05 5.84
C ALA A 88 1.88 10.73 6.54
N VAL A 89 2.43 11.76 7.22
CA VAL A 89 3.66 11.56 7.99
C VAL A 89 3.42 12.17 9.38
N PHE A 90 3.84 11.45 10.40
CA PHE A 90 3.84 11.94 11.78
C PHE A 90 5.28 12.03 12.23
N ASP A 91 5.67 13.18 12.80
CA ASP A 91 7.09 13.42 13.09
C ASP A 91 7.49 12.80 14.43
N GLY A 92 6.60 12.16 15.15
CA GLY A 92 6.93 11.59 16.44
C GLY A 92 6.80 12.57 17.58
N LYS A 93 6.45 13.82 17.30
CA LYS A 93 6.33 14.83 18.34
C LYS A 93 4.86 15.18 18.43
N LYS A 94 4.38 16.17 17.67
CA LYS A 94 2.98 16.53 17.74
C LYS A 94 2.32 16.82 16.40
N THR A 95 3.05 16.73 15.29
CA THR A 95 2.58 17.27 14.01
C THR A 95 2.36 16.17 12.99
N LEU A 96 1.15 16.14 12.44
CA LEU A 96 0.79 15.27 11.32
C LEU A 96 0.67 16.12 10.07
N SER A 97 1.35 15.72 9.00
CA SER A 97 1.26 16.34 7.69
C SER A 97 0.72 15.30 6.73
N TYR A 98 -0.26 15.67 5.92
CA TYR A 98 -0.77 14.69 4.97
C TYR A 98 -1.21 15.33 3.68
N TYR A 99 -0.85 14.67 2.58
CA TYR A 99 -1.23 15.05 1.22
C TYR A 99 -2.39 14.18 0.79
N ASP A 100 -3.47 14.82 0.35
CA ASP A 100 -4.65 14.11 -0.16
C ASP A 100 -4.68 14.30 -1.68
N ALA A 101 -4.41 13.23 -2.41
CA ALA A 101 -4.32 13.32 -3.87
C ALA A 101 -5.69 13.53 -4.51
N SER A 102 -6.77 13.23 -3.79
CA SER A 102 -8.10 13.43 -4.35
C SER A 102 -8.53 14.89 -4.25
N GLU A 103 -8.13 15.59 -3.19
CA GLU A 103 -8.46 16.99 -2.99
C GLU A 103 -7.33 17.93 -3.39
N ASN A 104 -6.13 17.41 -3.67
CA ASN A 104 -4.96 18.21 -3.98
C ASN A 104 -4.66 19.21 -2.88
N THR A 105 -4.60 18.72 -1.64
CA THR A 105 -4.29 19.55 -0.48
C THR A 105 -3.15 18.93 0.31
N LEU A 106 -2.28 19.79 0.84
CA LEU A 106 -1.26 19.38 1.80
C LEU A 106 -1.63 19.98 3.14
N ASN A 107 -1.92 19.11 4.12
CA ASN A 107 -2.55 19.50 5.36
C ASN A 107 -1.61 19.29 6.53
N ILE A 108 -1.53 20.28 7.42
CA ILE A 108 -0.67 20.22 8.59
C ILE A 108 -1.54 20.41 9.83
N SER A 109 -1.42 19.49 10.76
CA SER A 109 -2.30 19.50 11.94
C SER A 109 -1.61 18.98 13.18
N HIS A 110 -2.28 19.20 14.30
CA HIS A 110 -1.89 18.71 15.64
C HIS A 110 -2.94 17.67 16.02
N PRO A 111 -2.79 16.39 15.66
CA PRO A 111 -3.84 15.44 15.94
C PRO A 111 -3.92 15.08 17.42
N THR A 112 -5.07 14.58 17.82
CA THR A 112 -5.29 14.07 19.17
C THR A 112 -4.71 12.66 19.24
N ASN A 113 -4.54 12.18 20.43
CA ASN A 113 -4.02 10.84 20.64
C ASN A 113 -4.98 9.83 20.01
N ALA A 114 -6.27 10.00 20.17
CA ALA A 114 -7.27 9.09 19.59
C ALA A 114 -7.19 9.10 18.06
N GLU A 115 -7.08 10.26 17.45
CA GLU A 115 -6.98 10.38 15.99
C GLU A 115 -5.76 9.61 15.47
N LEU A 116 -4.66 9.64 16.18
CA LEU A 116 -3.45 8.90 15.77
C LEU A 116 -3.72 7.39 15.82
N ALA A 117 -4.39 6.90 16.85
CA ALA A 117 -4.66 5.46 16.96
C ALA A 117 -5.61 5.05 15.83
N MSE A 118 -6.51 5.91 15.43
CA MSE A 118 -7.48 5.61 14.36
C MSE A 118 -6.81 5.39 13.01
O MSE A 118 -7.31 4.62 12.19
CB MSE A 118 -8.54 6.72 14.24
CG MSE A 118 -9.61 6.63 15.30
SE MSE A 118 -10.79 8.15 15.49
CE MSE A 118 -11.80 8.07 13.86
N ILE A 119 -5.69 6.07 12.75
CA ILE A 119 -4.99 5.89 11.48
C ILE A 119 -3.78 4.98 11.61
N ASN A 120 -3.30 4.73 12.82
CA ASN A 120 -2.17 3.83 13.06
C ASN A 120 -2.43 3.09 14.36
N PRO A 121 -3.20 2.01 14.31
CA PRO A 121 -3.51 1.29 15.56
C PRO A 121 -2.28 0.76 16.27
N LEU A 122 -1.18 0.52 15.55
CA LEU A 122 0.03 0.01 16.18
C LEU A 122 0.76 1.06 17.02
N ILE A 123 0.27 2.31 17.05
CA ILE A 123 0.84 3.31 17.93
C ILE A 123 0.72 2.90 19.39
N ILE A 124 -0.25 2.05 19.72
CA ILE A 124 -0.34 1.59 21.10
C ILE A 124 0.86 0.74 21.50
N LEU A 125 1.62 0.26 20.52
CA LEU A 125 2.81 -0.54 20.80
C LEU A 125 4.11 0.25 20.77
N THR A 126 4.15 1.39 20.10
CA THR A 126 5.41 2.11 19.94
C THR A 126 5.65 3.20 20.99
N ARG A 127 4.67 3.56 21.80
CA ARG A 127 4.90 4.60 22.81
C ARG A 127 4.24 4.23 24.14
N SER A 128 4.66 4.83 25.24
CA SER A 128 4.02 4.65 26.53
C SER A 128 2.64 5.30 26.53
N GLU A 129 1.63 4.54 26.92
CA GLU A 129 0.26 5.04 26.86
C GLU A 129 -0.34 4.97 28.27
N ALA A 130 -0.76 6.09 28.84
CA ALA A 130 -1.35 6.12 30.16
C ALA A 130 -2.86 5.90 30.17
N GLY A 131 -3.51 5.93 29.00
CA GLY A 131 -4.95 6.04 28.96
C GLY A 131 -5.82 4.81 28.83
N TYR A 132 -5.27 3.64 28.79
CA TYR A 132 -6.12 2.46 28.53
C TYR A 132 -5.95 1.36 29.58
N ARG A 133 -7.04 0.78 30.05
CA ARG A 133 -7.10 -0.45 30.81
C ARG A 133 -6.93 -1.62 29.84
N THR A 134 -6.07 -2.57 30.20
CA THR A 134 -5.75 -3.71 29.35
C THR A 134 -6.33 -5.00 29.93
N ALA A 135 -6.88 -5.84 29.06
CA ALA A 135 -7.40 -7.13 29.47
C ALA A 135 -7.28 -8.12 28.31
N MSE A 136 -7.21 -9.40 28.64
CA MSE A 136 -7.24 -10.46 27.65
C MSE A 136 -8.69 -10.76 27.27
O MSE A 136 -9.56 -10.80 28.13
CB MSE A 136 -6.55 -11.72 28.17
CG MSE A 136 -5.07 -11.53 28.44
SE MSE A 136 -4.10 -11.01 26.82
CE MSE A 136 -4.55 -12.47 25.66
N LEU A 137 -8.95 -10.93 25.97
CA LEU A 137 -10.25 -11.33 25.44
C LEU A 137 -10.19 -12.77 24.96
N PRO A 138 -11.32 -13.36 24.60
CA PRO A 138 -11.33 -14.76 24.17
C PRO A 138 -10.39 -14.96 22.98
N PRO A 139 -9.57 -16.01 23.00
CA PRO A 139 -8.58 -16.19 21.93
C PRO A 139 -9.21 -16.73 20.65
N THR A 140 -8.36 -16.84 19.62
CA THR A 140 -8.70 -17.47 18.35
C THR A 140 -7.76 -18.65 18.12
N LYS A 141 -7.99 -19.38 17.04
CA LYS A 141 -7.12 -20.51 16.76
C LYS A 141 -5.72 -19.97 16.44
N GLY A 142 -4.73 -20.30 17.25
CA GLY A 142 -3.37 -19.80 17.08
C GLY A 142 -3.17 -18.31 17.26
N GLY A 143 -4.11 -17.65 17.92
CA GLY A 143 -3.99 -16.22 18.15
C GLY A 143 -4.52 -15.87 19.54
N LYS A 144 -4.06 -14.72 20.02
CA LYS A 144 -4.58 -14.10 21.23
C LYS A 144 -5.18 -12.76 20.88
N VAL A 145 -6.01 -12.24 21.77
CA VAL A 145 -6.72 -11.00 21.55
C VAL A 145 -6.61 -10.14 22.80
N ILE A 146 -6.05 -8.96 22.66
CA ILE A 146 -5.85 -8.02 23.77
C ILE A 146 -6.85 -6.89 23.62
N GLY A 147 -7.56 -6.59 24.70
CA GLY A 147 -8.54 -5.52 24.71
C GLY A 147 -8.03 -4.31 25.49
N LEU A 148 -8.22 -3.14 24.92
CA LEU A 148 -7.82 -1.87 25.54
C LEU A 148 -9.03 -0.95 25.59
N THR A 149 -9.38 -0.48 26.79
CA THR A 149 -10.52 0.40 26.97
C THR A 149 -10.09 1.69 27.67
N PRO A 150 -10.55 2.86 27.20
CA PRO A 150 -10.10 4.13 27.78
C PRO A 150 -10.65 4.36 29.19
N LYS A 151 -9.77 4.86 30.07
CA LYS A 151 -10.17 5.27 31.41
C LYS A 151 -10.95 6.57 31.36
N THR A 152 -10.72 7.39 30.34
CA THR A 152 -11.46 8.62 30.21
C THR A 152 -12.03 8.60 28.82
N ALA A 153 -13.23 9.09 28.72
CA ALA A 153 -13.83 9.12 27.42
C ALA A 153 -12.87 9.83 26.47
N ASN A 154 -12.82 9.25 25.29
CA ASN A 154 -12.09 9.83 24.18
C ASN A 154 -12.63 9.52 22.79
N GLY A 155 -13.86 9.06 22.54
CA GLY A 155 -14.31 8.76 21.21
C GLY A 155 -14.13 7.32 20.75
N ILE A 156 -13.30 6.61 21.48
CA ILE A 156 -13.01 5.20 21.27
C ILE A 156 -13.69 4.41 22.38
N LYS A 157 -14.44 3.37 21.98
CA LYS A 157 -15.02 2.44 22.95
C LYS A 157 -14.02 1.37 23.36
N GLN A 158 -13.38 0.72 22.39
CA GLN A 158 -12.42 -0.33 22.67
C GLN A 158 -11.48 -0.49 21.49
N ILE A 159 -10.24 -0.84 21.82
CA ILE A 159 -9.25 -1.27 20.84
C ILE A 159 -8.99 -2.75 21.08
N GLU A 160 -8.91 -3.52 19.99
N GLU A 160 -9.00 -3.53 20.00
CA GLU A 160 -8.66 -4.96 20.06
CA GLU A 160 -8.64 -4.94 20.06
C GLU A 160 -7.47 -5.29 19.18
C GLU A 160 -7.40 -5.12 19.20
N LEU A 161 -6.36 -5.72 19.79
CA LEU A 161 -5.15 -6.08 19.08
C LEU A 161 -5.07 -7.60 19.00
N GLN A 162 -4.94 -8.12 17.79
CA GLN A 162 -4.78 -9.55 17.55
C GLN A 162 -3.31 -9.86 17.37
N VAL A 163 -2.83 -10.91 18.06
CA VAL A 163 -1.44 -11.33 17.96
C VAL A 163 -1.36 -12.84 17.81
N ASP A 164 -0.29 -13.30 17.18
CA ASP A 164 -0.02 -14.72 17.04
C ASP A 164 0.34 -15.33 18.39
N SER A 165 -0.20 -16.51 18.66
CA SER A 165 -0.01 -17.10 19.99
C SER A 165 1.41 -17.61 20.19
N ARG A 166 2.12 -17.93 19.12
CA ARG A 166 3.49 -18.44 19.25
C ARG A 166 4.44 -17.37 19.77
N ASP A 167 4.43 -16.18 19.14
CA ASP A 167 5.47 -15.19 19.40
C ASP A 167 4.93 -13.78 19.58
N SER A 168 3.62 -13.61 19.68
CA SER A 168 2.97 -12.31 19.90
C SER A 168 3.14 -11.36 18.70
N ARG A 169 3.42 -11.89 17.52
CA ARG A 169 3.49 -11.05 16.33
C ARG A 169 2.12 -10.43 16.08
N PRO A 170 2.01 -9.12 15.91
CA PRO A 170 0.70 -8.52 15.60
C PRO A 170 0.18 -9.03 14.27
N THR A 171 -1.11 -9.37 14.23
CA THR A 171 -1.76 -9.81 13.02
C THR A 171 -2.92 -8.92 12.59
N GLY A 172 -3.44 -8.07 13.47
CA GLY A 172 -4.58 -7.24 13.11
C GLY A 172 -5.02 -6.42 14.29
N ALA A 173 -5.95 -5.51 14.02
CA ALA A 173 -6.49 -4.63 15.05
C ALA A 173 -7.90 -4.26 14.67
N MSE A 174 -8.73 -4.00 15.66
CA MSE A 174 -10.04 -3.43 15.42
C MSE A 174 -10.27 -2.32 16.44
O MSE A 174 -10.09 -2.54 17.64
CB MSE A 174 -11.15 -4.46 15.53
CG MSE A 174 -12.50 -3.82 15.28
SE MSE A 174 -13.94 -5.10 15.20
CE MSE A 174 -13.85 -5.73 17.04
N ILE A 175 -10.68 -1.15 15.98
CA ILE A 175 -11.04 -0.05 16.86
C ILE A 175 -12.53 0.19 16.72
N THR A 176 -13.24 0.13 17.85
CA THR A 176 -14.67 0.43 17.88
C THR A 176 -14.85 1.81 18.49
N LEU A 177 -15.48 2.71 17.74
CA LEU A 177 -15.72 4.05 18.24
C LEU A 177 -16.99 4.07 19.08
N GLU A 178 -17.14 5.12 19.89
CA GLU A 178 -18.29 5.20 20.78
C GLU A 178 -19.60 5.17 20.01
N ASP A 179 -19.61 5.67 18.77
CA ASP A 179 -20.83 5.65 17.97
C ASP A 179 -21.06 4.33 17.26
N GLY A 180 -20.18 3.35 17.44
CA GLY A 180 -20.33 2.03 16.86
C GLY A 180 -19.50 1.77 15.62
N THR A 181 -18.86 2.79 15.06
CA THR A 181 -17.98 2.58 13.92
C THR A 181 -16.91 1.54 14.26
N LYS A 182 -16.63 0.66 13.30
CA LYS A 182 -15.58 -0.35 13.44
C LYS A 182 -14.52 -0.08 12.38
N ILE A 183 -13.29 0.16 12.82
CA ILE A 183 -12.13 0.32 11.95
C ILE A 183 -11.32 -0.95 12.04
N VAL A 184 -11.32 -1.75 10.99
CA VAL A 184 -10.76 -3.11 11.01
C VAL A 184 -9.51 -3.13 10.16
N THR A 185 -8.40 -3.56 10.74
CA THR A 185 -7.11 -3.63 10.08
C THR A 185 -6.60 -5.06 10.14
N LYS A 186 -6.19 -5.58 8.98
CA LYS A 186 -5.58 -6.89 8.81
C LYS A 186 -4.14 -6.74 8.31
N ILE A 187 -3.19 -7.21 9.07
CA ILE A 187 -1.78 -7.12 8.68
C ILE A 187 -1.47 -8.24 7.70
N THR A 188 -0.93 -7.89 6.54
CA THR A 188 -0.57 -8.86 5.51
C THR A 188 0.93 -9.03 5.36
N GLY A 189 1.73 -8.22 6.07
CA GLY A 189 3.16 -8.40 6.08
C GLY A 189 3.85 -7.45 7.04
N ILE A 190 4.93 -7.95 7.65
CA ILE A 190 5.81 -7.15 8.47
C ILE A 190 7.22 -7.42 8.00
N SER A 191 7.94 -6.35 7.67
CA SER A 191 9.28 -6.51 7.15
C SER A 191 10.18 -5.37 7.59
N ARG A 192 11.46 -5.66 7.45
CA ARG A 192 12.55 -4.75 7.64
C ARG A 192 12.86 -3.90 6.45
N THR A 193 13.25 -2.68 6.80
CA THR A 193 13.49 -1.62 5.87
C THR A 193 14.46 -0.64 6.49
N LYS A 194 15.15 0.07 5.63
CA LYS A 194 16.03 1.16 6.04
C LYS A 194 15.29 2.44 5.67
N ALA A 195 14.64 3.04 6.66
CA ALA A 195 13.78 4.20 6.43
C ALA A 195 14.63 5.45 6.56
N SER A 196 14.78 6.18 5.46
CA SER A 196 15.55 7.42 5.43
C SER A 196 14.72 8.56 6.00
N PRO A 197 15.30 9.71 6.63
CA PRO A 197 14.66 11.08 7.33
C PRO A 197 13.56 11.52 6.36
N GLY A 198 13.86 11.51 5.07
CA GLY A 198 12.99 12.04 4.01
C GLY A 198 11.63 11.40 3.89
N LEU A 199 11.47 10.15 4.32
CA LEU A 199 10.16 9.48 4.25
C LEU A 199 9.17 10.09 5.25
N PHE A 200 9.67 10.79 6.25
CA PHE A 200 8.83 11.31 7.34
C PHE A 200 8.62 12.82 7.23
N ARG A 201 8.85 13.38 6.06
CA ARG A 201 8.57 14.80 5.78
C ARG A 201 7.84 14.93 4.45
N LEU A 202 6.94 15.89 4.35
CA LEU A 202 6.26 16.22 3.09
C LEU A 202 6.51 17.69 2.83
N MSE A 203 7.17 17.98 1.72
N MSE A 203 7.19 17.99 1.72
CA MSE A 203 7.41 19.40 1.42
CA MSE A 203 7.45 19.41 1.43
C MSE A 203 6.50 19.86 0.29
C MSE A 203 6.50 19.85 0.30
O MSE A 203 6.30 19.10 -0.64
O MSE A 203 6.31 19.10 -0.63
CB MSE A 203 8.89 19.55 1.09
CB MSE A 203 8.92 19.61 1.06
CG MSE A 203 9.75 18.84 2.08
CG MSE A 203 9.89 18.72 1.80
SE MSE A 203 11.56 19.40 1.80
SE MSE A 203 10.42 19.39 3.56
CE MSE A 203 12.66 17.92 1.15
CE MSE A 203 9.25 20.88 4.07
N LYS A 204 6.05 21.11 0.31
CA LYS A 204 5.12 21.67 -0.73
C LYS A 204 5.67 21.57 -2.16
N LYS A 205 6.98 21.64 -2.35
CA LYS A 205 7.61 21.53 -3.69
C LYS A 205 7.36 20.18 -4.35
N ASP A 206 7.06 19.17 -3.59
CA ASP A 206 6.92 17.82 -4.15
C ASP A 206 5.55 17.59 -4.76
N TYR A 207 4.64 18.55 -4.66
CA TYR A 207 3.26 18.45 -5.10
C TYR A 207 2.99 19.73 -5.87
N PRO A 208 3.35 19.76 -7.14
CA PRO A 208 3.11 20.96 -7.96
C PRO A 208 1.65 21.37 -7.88
N GLY A 209 1.42 22.64 -7.57
CA GLY A 209 0.07 23.20 -7.55
C GLY A 209 -0.74 22.88 -6.31
N VAL A 210 -0.12 22.27 -5.31
CA VAL A 210 -0.86 21.81 -4.13
C VAL A 210 -1.27 23.00 -3.28
N GLU A 211 -2.45 22.91 -2.67
CA GLU A 211 -2.92 23.92 -1.72
C GLU A 211 -2.51 23.47 -0.33
N VAL A 212 -1.69 24.28 0.34
CA VAL A 212 -1.30 24.00 1.73
C VAL A 212 -2.39 24.52 2.66
N VAL A 213 -2.84 23.66 3.57
CA VAL A 213 -3.88 23.97 4.54
C VAL A 213 -3.30 23.74 5.93
N ASP A 214 -3.07 24.81 6.67
CA ASP A 214 -2.48 24.72 8.01
C ASP A 214 -3.64 24.68 8.99
N LEU A 215 -3.88 23.52 9.58
CA LEU A 215 -4.98 23.32 10.51
C LEU A 215 -4.56 23.47 11.97
N ARG A 216 -3.35 23.95 12.22
CA ARG A 216 -2.86 24.14 13.58
C ARG A 216 -3.45 25.40 14.20
N MSE B 27 15.33 8.62 -33.17
CA MSE B 27 14.38 9.13 -32.14
C MSE B 27 13.79 7.98 -31.33
O MSE B 27 13.62 8.09 -30.12
CB MSE B 27 13.26 9.95 -32.79
CG MSE B 27 13.45 11.46 -32.66
SE MSE B 27 12.16 12.52 -33.67
CE MSE B 27 10.64 11.31 -33.62
N GLN B 28 13.48 6.87 -32.01
CA GLN B 28 13.03 5.69 -31.28
C GLN B 28 14.16 5.14 -30.41
N ARG B 29 15.38 5.09 -30.95
CA ARG B 29 16.50 4.56 -30.18
C ARG B 29 16.80 5.46 -28.98
N THR B 30 16.59 6.77 -29.12
CA THR B 30 16.74 7.68 -27.99
C THR B 30 15.70 7.43 -26.92
N ALA B 31 14.45 7.20 -27.32
CA ALA B 31 13.40 6.94 -26.33
C ALA B 31 13.70 5.70 -25.53
N GLU B 32 14.05 4.60 -26.22
CA GLU B 32 14.51 3.40 -25.52
C GLU B 32 15.62 3.70 -24.54
N GLY B 33 16.55 4.57 -24.91
CA GLY B 33 17.60 4.92 -23.98
C GLY B 33 17.08 5.54 -22.68
N GLU B 34 16.07 6.40 -22.78
CA GLU B 34 15.49 7.01 -21.59
C GLU B 34 14.73 6.00 -20.75
N LEU B 35 14.02 5.09 -21.36
CA LEU B 35 13.28 4.05 -20.65
C LEU B 35 14.26 3.21 -19.84
N GLN B 36 15.38 2.84 -20.45
CA GLN B 36 16.37 1.96 -19.80
C GLN B 36 17.05 2.70 -18.67
N ALA B 37 17.16 3.98 -18.77
CA ALA B 37 17.73 4.78 -17.67
C ALA B 37 16.81 4.77 -16.46
N ALA B 38 15.49 4.73 -16.68
CA ALA B 38 14.54 4.63 -15.57
C ALA B 38 14.61 3.25 -14.92
N ALA B 39 14.89 2.23 -15.69
CA ALA B 39 14.90 0.84 -15.22
C ALA B 39 15.95 0.64 -14.14
N LYS B 40 16.99 1.47 -14.11
CA LYS B 40 18.06 1.33 -13.12
C LYS B 40 17.54 1.43 -11.69
N HIS B 41 16.47 2.21 -11.48
CA HIS B 41 15.92 2.39 -10.14
C HIS B 41 15.26 1.14 -9.58
N LEU B 42 15.01 0.13 -10.41
CA LEU B 42 14.32 -1.08 -9.97
C LEU B 42 15.23 -2.31 -9.96
N ALA B 43 16.55 -2.11 -9.98
CA ALA B 43 17.48 -3.20 -10.23
C ALA B 43 18.12 -3.78 -8.98
N ASN B 44 17.66 -3.41 -7.79
CA ASN B 44 18.24 -3.99 -6.58
C ASN B 44 18.15 -5.51 -6.66
N PRO B 45 19.28 -6.24 -6.58
CA PRO B 45 19.20 -7.70 -6.78
C PRO B 45 18.27 -8.39 -5.79
N ASP B 46 18.25 -7.97 -4.52
CA ASP B 46 17.43 -8.65 -3.53
C ASP B 46 15.95 -8.30 -3.62
N GLY B 47 15.60 -7.28 -4.41
CA GLY B 47 14.21 -6.89 -4.55
C GLY B 47 13.97 -5.41 -4.35
N THR B 48 12.84 -4.93 -4.88
CA THR B 48 12.44 -3.54 -4.77
C THR B 48 10.98 -3.48 -4.35
N ARG B 49 10.65 -2.56 -3.45
CA ARG B 49 9.28 -2.30 -3.05
C ARG B 49 8.85 -0.96 -3.63
N ILE B 50 7.67 -0.95 -4.26
CA ILE B 50 7.10 0.26 -4.86
C ILE B 50 5.76 0.51 -4.21
N ASP B 51 5.55 1.72 -3.67
CA ASP B 51 4.27 2.13 -3.09
C ASP B 51 3.62 3.03 -4.12
N PHE B 52 2.34 2.88 -4.33
CA PHE B 52 1.69 3.71 -5.34
C PHE B 52 0.22 3.92 -5.03
N GLN B 53 -0.38 4.87 -5.73
CA GLN B 53 -1.82 5.04 -5.76
C GLN B 53 -2.28 4.85 -7.21
N ALA B 54 -3.48 4.29 -7.38
CA ALA B 54 -3.97 4.06 -8.73
C ALA B 54 -5.47 4.24 -8.78
N GLU B 55 -5.96 4.65 -9.95
CA GLU B 55 -7.36 4.89 -10.24
C GLU B 55 -7.63 4.45 -11.66
N THR B 56 -8.82 3.92 -11.91
CA THR B 56 -9.25 3.55 -13.25
C THR B 56 -10.48 4.39 -13.61
N ILE B 57 -10.37 5.14 -14.70
CA ILE B 57 -11.47 5.98 -15.18
C ILE B 57 -11.96 5.42 -16.51
N ALA B 58 -13.16 4.75 -16.49
CA ALA B 58 -13.70 4.16 -17.70
C ALA B 58 -14.69 5.08 -18.39
N PRO B 59 -14.85 4.97 -19.71
CA PRO B 59 -15.86 5.77 -20.39
C PRO B 59 -17.25 5.49 -19.84
N ASN B 60 -18.04 6.55 -19.62
CA ASN B 60 -19.37 6.43 -19.06
C ASN B 60 -19.36 5.73 -17.70
N ASP B 61 -18.20 5.72 -17.06
CA ASP B 61 -17.96 5.18 -15.72
C ASP B 61 -18.22 3.69 -15.58
N MSE B 62 -18.49 2.97 -16.66
CA MSE B 62 -18.93 1.59 -16.50
C MSE B 62 -18.01 0.75 -15.62
O MSE B 62 -18.47 0.06 -14.70
CB MSE B 62 -19.08 0.91 -17.86
CG MSE B 62 -19.93 -0.36 -17.83
SE MSE B 62 -21.69 -0.14 -17.01
CE MSE B 62 -21.54 -1.50 -15.61
N GLY B 63 -16.70 0.82 -15.87
CA GLY B 63 -15.75 -0.01 -15.16
C GLY B 63 -14.72 0.76 -14.37
N SER B 64 -15.12 1.90 -13.81
CA SER B 64 -14.22 2.72 -13.02
C SER B 64 -13.97 2.12 -11.65
N SER B 65 -12.88 2.57 -11.02
N SER B 65 -12.85 2.52 -11.03
CA SER B 65 -12.41 2.09 -9.73
CA SER B 65 -12.50 2.09 -9.69
C SER B 65 -11.82 3.29 -9.00
C SER B 65 -11.85 3.28 -9.00
N PRO B 66 -12.18 3.51 -7.73
CA PRO B 66 -11.70 4.73 -7.05
C PRO B 66 -10.19 4.69 -6.82
N LEU B 67 -9.64 5.90 -6.66
CA LEU B 67 -8.24 6.05 -6.31
C LEU B 67 -7.98 5.47 -4.93
N SER B 68 -7.03 4.54 -4.85
CA SER B 68 -6.64 3.94 -3.59
C SER B 68 -5.18 3.53 -3.69
N SER B 69 -4.65 3.02 -2.59
CA SER B 69 -3.21 2.77 -2.45
C SER B 69 -2.84 1.31 -2.62
N GLY B 70 -1.60 1.09 -3.01
CA GLY B 70 -1.12 -0.26 -3.14
C GLY B 70 0.35 -0.40 -3.09
N SER B 71 0.79 -1.63 -3.20
CA SER B 71 2.24 -1.84 -3.21
C SER B 71 2.61 -2.99 -4.13
N LEU B 72 3.85 -2.94 -4.61
CA LEU B 72 4.41 -3.98 -5.45
C LEU B 72 5.75 -4.38 -4.87
N ILE B 73 5.99 -5.69 -4.78
CA ILE B 73 7.31 -6.23 -4.51
C ILE B 73 7.80 -6.82 -5.81
N LEU B 74 8.94 -6.37 -6.29
CA LEU B 74 9.54 -6.87 -7.52
C LEU B 74 10.83 -7.61 -7.17
N LYS B 75 11.01 -8.79 -7.76
CA LYS B 75 12.29 -9.51 -7.66
C LYS B 75 12.48 -10.25 -8.97
N GLY B 76 13.47 -9.85 -9.75
CA GLY B 76 13.63 -10.44 -11.06
C GLY B 76 12.39 -10.17 -11.89
N ASN B 77 11.78 -11.25 -12.40
CA ASN B 77 10.53 -11.17 -13.13
C ASN B 77 9.32 -11.54 -12.29
N GLN B 78 9.52 -11.90 -11.02
CA GLN B 78 8.41 -12.16 -10.13
C GLN B 78 7.90 -10.85 -9.54
N PHE B 79 6.61 -10.80 -9.20
CA PHE B 79 6.12 -9.67 -8.43
C PHE B 79 4.96 -10.10 -7.56
N ARG B 80 4.77 -9.34 -6.49
CA ARG B 80 3.65 -9.46 -5.58
C ARG B 80 2.94 -8.12 -5.55
N LEU B 81 1.65 -8.12 -5.86
CA LEU B 81 0.84 -6.89 -5.90
C LEU B 81 -0.20 -6.94 -4.79
N SER B 82 -0.26 -5.87 -4.00
CA SER B 82 -1.29 -5.67 -2.99
C SER B 82 -2.09 -4.44 -3.38
N PHE B 83 -3.36 -4.63 -3.71
CA PHE B 83 -4.21 -3.53 -4.11
C PHE B 83 -5.66 -3.92 -3.89
N GLY B 84 -6.46 -2.97 -3.40
CA GLY B 84 -7.86 -3.26 -3.17
C GLY B 84 -7.97 -4.34 -2.12
N SER B 85 -8.80 -5.35 -2.39
CA SER B 85 -8.92 -6.51 -1.52
C SER B 85 -8.09 -7.68 -2.01
N ILE B 86 -7.14 -7.45 -2.92
CA ILE B 86 -6.50 -8.52 -3.65
C ILE B 86 -5.01 -8.58 -3.32
N THR B 87 -4.52 -9.81 -3.17
CA THR B 87 -3.09 -10.11 -3.11
C THR B 87 -2.77 -10.98 -4.31
N ALA B 88 -1.90 -10.49 -5.20
CA ALA B 88 -1.60 -11.16 -6.45
C ALA B 88 -0.11 -11.46 -6.52
N VAL B 89 0.23 -12.63 -7.06
CA VAL B 89 1.61 -13.01 -7.29
C VAL B 89 1.77 -13.45 -8.74
N PHE B 90 2.88 -13.07 -9.35
CA PHE B 90 3.28 -13.52 -10.67
C PHE B 90 4.59 -14.28 -10.54
N ASP B 91 4.64 -15.49 -11.09
CA ASP B 91 5.80 -16.34 -10.86
C ASP B 91 6.97 -16.03 -11.80
N GLY B 92 6.84 -15.00 -12.63
CA GLY B 92 7.89 -14.60 -13.54
C GLY B 92 7.94 -15.36 -14.84
N LYS B 93 7.08 -16.37 -14.99
CA LYS B 93 7.06 -17.20 -16.19
C LYS B 93 5.75 -16.92 -16.87
N LYS B 94 4.66 -17.62 -16.55
CA LYS B 94 3.40 -17.40 -17.21
C LYS B 94 2.19 -17.31 -16.29
N THR B 95 2.34 -17.52 -14.99
CA THR B 95 1.19 -17.78 -14.13
C THR B 95 0.96 -16.66 -13.12
N LEU B 96 -0.24 -16.10 -13.15
CA LEU B 96 -0.72 -15.12 -12.18
C LEU B 96 -1.73 -15.79 -11.27
N SER B 97 -1.51 -15.69 -9.96
CA SER B 97 -2.44 -16.19 -8.95
C SER B 97 -2.83 -15.02 -8.07
N TYR B 98 -4.12 -14.85 -7.78
CA TYR B 98 -4.47 -13.77 -6.87
C TYR B 98 -5.67 -14.15 -6.02
N TYR B 99 -5.58 -13.80 -4.75
CA TYR B 99 -6.61 -14.04 -3.76
C TYR B 99 -7.39 -12.75 -3.53
N ASP B 100 -8.71 -12.83 -3.63
CA ASP B 100 -9.59 -11.71 -3.37
C ASP B 100 -10.25 -11.95 -2.02
N ALA B 101 -9.88 -11.14 -1.01
CA ALA B 101 -10.38 -11.37 0.34
C ALA B 101 -11.85 -11.04 0.50
N SER B 102 -12.42 -10.23 -0.40
CA SER B 102 -13.84 -9.88 -0.30
C SER B 102 -14.73 -10.94 -0.92
N GLU B 103 -14.27 -11.58 -1.99
CA GLU B 103 -15.04 -12.62 -2.66
C GLU B 103 -14.62 -14.02 -2.23
N ASN B 104 -13.51 -14.14 -1.50
CA ASN B 104 -12.97 -15.43 -1.06
C ASN B 104 -12.73 -16.36 -2.25
N THR B 105 -12.00 -15.85 -3.24
CA THR B 105 -11.66 -16.63 -4.43
C THR B 105 -10.15 -16.58 -4.63
N LEU B 106 -9.59 -17.70 -5.06
CA LEU B 106 -8.20 -17.79 -5.49
C LEU B 106 -8.22 -17.99 -7.00
N ASN B 107 -7.68 -17.02 -7.73
CA ASN B 107 -7.84 -16.94 -9.17
C ASN B 107 -6.49 -17.17 -9.82
N ILE B 108 -6.44 -18.13 -10.76
CA ILE B 108 -5.20 -18.54 -11.40
C ILE B 108 -5.37 -18.45 -12.90
N SER B 109 -4.41 -17.83 -13.58
CA SER B 109 -4.53 -17.59 -15.00
C SER B 109 -3.16 -17.51 -15.65
N HIS B 110 -3.18 -17.52 -16.99
CA HIS B 110 -2.02 -17.24 -17.83
C HIS B 110 -2.27 -15.90 -18.48
N PRO B 111 -1.91 -14.78 -17.84
CA PRO B 111 -2.24 -13.48 -18.42
C PRO B 111 -1.45 -13.18 -19.68
N THR B 112 -2.01 -12.33 -20.52
CA THR B 112 -1.30 -11.84 -21.70
C THR B 112 -0.34 -10.75 -21.23
N ASN B 113 0.60 -10.38 -22.08
CA ASN B 113 1.55 -9.32 -21.73
C ASN B 113 0.83 -8.01 -21.46
N ALA B 114 -0.20 -7.70 -22.23
CA ALA B 114 -0.99 -6.48 -22.04
C ALA B 114 -1.67 -6.51 -20.65
N GLU B 115 -2.23 -7.64 -20.30
CA GLU B 115 -2.93 -7.79 -19.01
C GLU B 115 -1.95 -7.56 -17.86
N LEU B 116 -0.73 -8.05 -17.97
CA LEU B 116 0.28 -7.84 -16.92
C LEU B 116 0.58 -6.35 -16.78
N ALA B 117 0.67 -5.63 -17.90
CA ALA B 117 0.98 -4.19 -17.89
C ALA B 117 -0.17 -3.43 -17.22
N MSE B 118 -1.37 -3.93 -17.33
CA MSE B 118 -2.53 -3.23 -16.76
C MSE B 118 -2.45 -3.23 -15.24
O MSE B 118 -2.94 -2.32 -14.66
CB MSE B 118 -3.83 -3.84 -17.29
CG MSE B 118 -4.09 -3.51 -18.72
SE MSE B 118 -5.65 -4.47 -19.42
CE MSE B 118 -5.16 -4.72 -21.29
N ILE B 119 -1.92 -4.29 -14.65
CA ILE B 119 -1.84 -4.37 -13.16
C ILE B 119 -0.44 -4.03 -12.62
N ASN B 120 0.57 -4.07 -13.47
CA ASN B 120 1.95 -3.74 -13.08
C ASN B 120 2.54 -2.92 -14.23
N PRO B 121 2.24 -1.61 -14.37
CA PRO B 121 2.81 -0.80 -15.46
C PRO B 121 4.33 -0.69 -15.47
N LEU B 122 5.01 -1.00 -14.36
CA LEU B 122 6.47 -1.01 -14.32
C LEU B 122 7.06 -2.26 -14.94
N ILE B 123 6.24 -3.21 -15.40
CA ILE B 123 6.78 -4.35 -16.12
C ILE B 123 7.50 -3.91 -17.38
N ILE B 124 7.18 -2.73 -17.92
CA ILE B 124 7.90 -2.20 -19.11
C ILE B 124 9.36 -1.94 -18.75
N LEU B 125 9.70 -1.78 -17.49
CA LEU B 125 11.10 -1.56 -17.05
C LEU B 125 11.74 -2.88 -16.64
N THR B 126 10.97 -3.86 -16.18
CA THR B 126 11.57 -5.09 -15.69
C THR B 126 11.71 -6.11 -16.79
N ARG B 127 11.21 -5.87 -17.97
CA ARG B 127 11.37 -6.81 -19.10
C ARG B 127 11.60 -6.00 -20.36
N SER B 128 11.99 -6.63 -21.45
CA SER B 128 12.19 -5.93 -22.73
C SER B 128 10.84 -5.78 -23.43
N GLU B 129 10.52 -4.65 -24.06
CA GLU B 129 9.26 -4.61 -24.84
C GLU B 129 9.61 -4.24 -26.27
N ALA B 130 10.08 -5.27 -26.99
CA ALA B 130 10.35 -5.29 -28.45
C ALA B 130 9.06 -5.15 -29.28
N GLY B 131 7.90 -5.47 -28.69
CA GLY B 131 6.58 -5.36 -29.30
C GLY B 131 5.97 -3.97 -29.22
N TYR B 132 6.66 -2.98 -28.67
CA TYR B 132 6.13 -1.61 -28.60
C TYR B 132 7.05 -0.64 -29.35
N ARG B 133 6.49 0.32 -30.07
CA ARG B 133 7.27 1.46 -30.54
C ARG B 133 7.35 2.48 -29.41
N THR B 134 8.56 2.99 -29.14
CA THR B 134 8.80 3.92 -28.04
C THR B 134 9.04 5.32 -28.62
N ALA B 135 8.45 6.34 -28.04
CA ALA B 135 8.63 7.72 -28.46
C ALA B 135 8.55 8.62 -27.24
N MSE B 136 9.27 9.74 -27.28
CA MSE B 136 9.21 10.73 -26.22
C MSE B 136 7.97 11.61 -26.44
O MSE B 136 7.71 12.05 -27.56
CB MSE B 136 10.48 11.56 -26.18
CG MSE B 136 10.72 12.27 -24.86
SE MSE B 136 11.23 11.10 -23.37
CE MSE B 136 11.89 9.55 -24.35
N LEU B 137 7.22 11.84 -25.38
CA LEU B 137 6.04 12.70 -25.40
C LEU B 137 6.38 14.06 -24.82
N PRO B 138 5.46 15.02 -24.91
CA PRO B 138 5.77 16.36 -24.43
C PRO B 138 6.15 16.35 -22.96
N PRO B 139 7.25 17.00 -22.56
CA PRO B 139 7.68 17.00 -21.19
C PRO B 139 6.80 17.84 -20.25
N THR B 140 7.09 17.72 -18.97
CA THR B 140 6.47 18.42 -17.82
C THR B 140 7.58 19.23 -17.11
N LYS B 141 7.18 20.13 -16.24
CA LYS B 141 8.04 21.08 -15.51
C LYS B 141 9.35 20.46 -15.05
N GLY B 142 9.32 19.32 -14.37
CA GLY B 142 10.52 18.69 -13.86
C GLY B 142 10.58 17.23 -14.22
N GLY B 143 9.84 16.79 -15.25
CA GLY B 143 9.83 15.40 -15.63
C GLY B 143 9.78 15.22 -17.13
N LYS B 144 10.10 13.99 -17.56
CA LYS B 144 9.92 13.56 -18.93
C LYS B 144 8.82 12.49 -18.99
N VAL B 145 8.31 12.26 -20.20
CA VAL B 145 7.22 11.32 -20.41
C VAL B 145 7.57 10.45 -21.62
N ILE B 146 7.59 9.14 -21.41
CA ILE B 146 7.92 8.18 -22.46
C ILE B 146 6.64 7.47 -22.89
N GLY B 147 6.41 7.42 -24.20
CA GLY B 147 5.22 6.81 -24.77
C GLY B 147 5.53 5.49 -25.44
N LEU B 148 4.73 4.42 -25.26
CA LEU B 148 4.92 3.08 -25.80
C LEU B 148 3.59 2.72 -26.46
N THR B 149 3.60 2.40 -27.73
CA THR B 149 2.44 1.96 -28.49
C THR B 149 2.70 0.58 -29.06
N PRO B 150 1.74 -0.35 -28.97
CA PRO B 150 1.99 -1.71 -29.46
C PRO B 150 2.13 -1.75 -30.98
N LYS B 151 3.08 -2.56 -31.46
CA LYS B 151 3.24 -2.74 -32.89
C LYS B 151 2.09 -3.57 -33.46
N THR B 152 1.49 -4.43 -32.65
CA THR B 152 0.33 -5.21 -33.02
C THR B 152 -0.75 -4.96 -31.98
N ALA B 153 -1.98 -4.76 -32.42
CA ALA B 153 -3.06 -4.44 -31.48
C ALA B 153 -3.08 -5.46 -30.36
N ASN B 154 -3.22 -5.00 -29.11
CA ASN B 154 -3.29 -5.92 -27.95
C ASN B 154 -4.26 -5.45 -26.87
N GLY B 155 -5.17 -4.52 -27.16
CA GLY B 155 -6.05 -3.98 -26.15
C GLY B 155 -5.59 -2.68 -25.54
N ILE B 156 -4.32 -2.34 -25.72
CA ILE B 156 -3.77 -1.12 -25.11
C ILE B 156 -3.54 -0.11 -26.22
N LYS B 157 -4.03 1.10 -26.07
CA LYS B 157 -3.74 2.14 -27.05
C LYS B 157 -2.35 2.72 -26.83
N GLN B 158 -2.03 3.07 -25.59
CA GLN B 158 -0.71 3.64 -25.29
C GLN B 158 -0.39 3.48 -23.82
N ILE B 159 0.89 3.28 -23.55
CA ILE B 159 1.45 3.31 -22.21
C ILE B 159 2.31 4.56 -22.09
N GLU B 160 2.10 5.34 -21.04
CA GLU B 160 2.92 6.51 -20.75
C GLU B 160 3.62 6.30 -19.41
N LEU B 161 4.93 6.50 -19.38
CA LEU B 161 5.72 6.45 -18.16
C LEU B 161 6.25 7.84 -17.86
N GLN B 162 5.97 8.33 -16.66
CA GLN B 162 6.46 9.61 -16.19
C GLN B 162 7.72 9.37 -15.36
N VAL B 163 8.78 10.13 -15.65
CA VAL B 163 10.02 10.02 -14.91
C VAL B 163 10.55 11.41 -14.59
N ASP B 164 11.30 11.50 -13.49
CA ASP B 164 11.94 12.74 -13.11
C ASP B 164 13.08 13.05 -14.08
N SER B 165 13.19 14.33 -14.47
CA SER B 165 14.18 14.70 -15.47
C SER B 165 15.60 14.66 -14.91
N ARG B 166 15.77 14.79 -13.60
CA ARG B 166 17.12 14.80 -13.03
C ARG B 166 17.80 13.45 -13.21
N ASP B 167 17.12 12.37 -12.81
CA ASP B 167 17.75 11.06 -12.72
C ASP B 167 16.90 9.94 -13.30
N SER B 168 15.79 10.26 -13.97
CA SER B 168 14.91 9.29 -14.61
C SER B 168 14.20 8.39 -13.61
N ARG B 169 14.07 8.82 -12.37
CA ARG B 169 13.30 8.06 -11.40
C ARG B 169 11.85 7.99 -11.84
N PRO B 170 11.25 6.80 -11.92
CA PRO B 170 9.84 6.72 -12.29
C PRO B 170 8.96 7.38 -11.23
N THR B 171 8.00 8.19 -11.69
CA THR B 171 7.06 8.85 -10.80
C THR B 171 5.61 8.45 -11.03
N GLY B 172 5.28 7.85 -12.17
CA GLY B 172 3.91 7.49 -12.45
C GLY B 172 3.80 6.88 -13.82
N ALA B 173 2.59 6.40 -14.12
CA ALA B 173 2.31 5.79 -15.41
C ALA B 173 0.84 6.00 -15.73
N MSE B 174 0.52 6.01 -17.02
CA MSE B 174 -0.87 5.98 -17.47
C MSE B 174 -1.00 4.99 -18.62
O MSE B 174 -0.24 5.07 -19.59
CB MSE B 174 -1.36 7.35 -17.90
CG MSE B 174 -2.87 7.34 -18.12
SE MSE B 174 -3.74 9.08 -18.27
CE MSE B 174 -2.98 9.69 -19.93
N ILE B 175 -1.96 4.09 -18.50
CA ILE B 175 -2.29 3.14 -19.57
C ILE B 175 -3.66 3.51 -20.12
N THR B 176 -3.75 3.77 -21.42
CA THR B 176 -5.02 4.04 -22.09
C THR B 176 -5.41 2.79 -22.87
N LEU B 177 -6.57 2.21 -22.60
CA LEU B 177 -7.06 1.03 -23.30
C LEU B 177 -7.65 1.47 -24.63
N GLU B 178 -7.89 0.54 -25.50
CA GLU B 178 -8.44 0.86 -26.82
C GLU B 178 -9.80 1.53 -26.71
N ASP B 179 -10.59 1.19 -25.69
CA ASP B 179 -11.90 1.78 -25.51
C ASP B 179 -11.87 3.12 -24.80
N GLY B 180 -10.70 3.63 -24.44
CA GLY B 180 -10.57 4.93 -23.82
C GLY B 180 -10.36 4.89 -22.32
N THR B 181 -10.52 3.74 -21.69
CA THR B 181 -10.26 3.63 -20.27
C THR B 181 -8.85 4.10 -19.94
N LYS B 182 -8.71 4.82 -18.83
CA LYS B 182 -7.43 5.31 -18.35
C LYS B 182 -7.12 4.66 -17.01
N ILE B 183 -5.97 3.98 -16.90
CA ILE B 183 -5.49 3.38 -15.63
C ILE B 183 -4.33 4.30 -15.21
N VAL B 184 -4.51 5.09 -14.17
CA VAL B 184 -3.57 6.13 -13.76
C VAL B 184 -2.87 5.69 -12.49
N THR B 185 -1.54 5.66 -12.51
CA THR B 185 -0.72 5.22 -11.40
C THR B 185 0.26 6.32 -11.00
N LYS B 186 0.31 6.63 -9.71
CA LYS B 186 1.29 7.57 -9.15
C LYS B 186 2.18 6.84 -8.16
N ILE B 187 3.49 6.88 -8.41
CA ILE B 187 4.45 6.24 -7.50
C ILE B 187 4.72 7.18 -6.33
N THR B 188 4.51 6.71 -5.09
CA THR B 188 4.71 7.49 -3.87
C THR B 188 5.91 6.96 -3.11
N GLY B 189 6.62 5.89 -3.54
CA GLY B 189 7.84 5.45 -2.90
C GLY B 189 8.50 4.29 -3.61
N ILE B 190 9.82 4.29 -3.61
CA ILE B 190 10.64 3.20 -4.14
C ILE B 190 11.72 2.89 -3.11
N SER B 191 11.82 1.63 -2.69
CA SER B 191 12.81 1.29 -1.69
C SER B 191 13.38 -0.10 -1.94
N ARG B 192 14.53 -0.36 -1.32
CA ARG B 192 15.12 -1.67 -1.38
C ARG B 192 14.47 -2.59 -0.34
N THR B 193 14.47 -3.89 -0.64
CA THR B 193 13.93 -4.90 0.25
C THR B 193 14.65 -6.20 -0.07
N LYS B 194 14.66 -7.11 0.89
CA LYS B 194 15.13 -8.48 0.64
C LYS B 194 13.88 -9.36 0.59
N ALA B 195 13.47 -9.75 -0.61
CA ALA B 195 12.21 -10.47 -0.80
C ALA B 195 12.43 -11.97 -0.74
N SER B 196 11.76 -12.62 0.21
CA SER B 196 11.84 -14.07 0.36
C SER B 196 10.96 -14.77 -0.69
N PRO B 197 11.29 -16.02 -1.03
CA PRO B 197 10.54 -16.71 -2.10
C PRO B 197 9.06 -16.87 -1.79
N GLY B 198 8.69 -17.01 -0.52
CA GLY B 198 7.29 -17.20 -0.17
C GLY B 198 6.40 -16.03 -0.50
N LEU B 199 6.98 -14.84 -0.70
CA LEU B 199 6.18 -13.66 -1.04
C LEU B 199 5.54 -13.79 -2.41
N PHE B 200 6.02 -14.70 -3.25
CA PHE B 200 5.55 -14.84 -4.62
C PHE B 200 4.77 -16.13 -4.84
N ARG B 201 4.27 -16.74 -3.77
CA ARG B 201 3.44 -17.94 -3.82
C ARG B 201 2.21 -17.74 -2.94
N LEU B 202 1.07 -18.24 -3.40
CA LEU B 202 -0.16 -18.33 -2.62
C LEU B 202 -0.59 -19.79 -2.55
N MSE B 203 -1.19 -20.12 -1.42
CA MSE B 203 -1.64 -21.52 -1.20
C MSE B 203 -3.09 -21.51 -0.72
O MSE B 203 -3.42 -20.70 0.15
CB MSE B 203 -0.65 -22.20 -0.27
CG MSE B 203 0.72 -22.29 -0.90
SE MSE B 203 1.84 -23.03 0.42
CE MSE B 203 1.51 -21.88 2.00
N LYS B 204 -3.92 -22.44 -1.23
CA LYS B 204 -5.36 -22.49 -0.88
C LYS B 204 -5.55 -22.70 0.61
N LYS B 205 -4.66 -23.47 1.27
CA LYS B 205 -4.78 -23.82 2.69
C LYS B 205 -4.96 -22.61 3.61
N ASP B 206 -4.28 -21.47 3.35
CA ASP B 206 -4.30 -20.28 4.16
C ASP B 206 -5.62 -19.54 4.09
N TYR B 207 -6.55 -19.98 3.24
CA TYR B 207 -7.77 -19.22 2.97
C TYR B 207 -9.00 -20.10 3.18
N PRO B 208 -9.53 -20.13 4.39
CA PRO B 208 -10.67 -21.00 4.70
C PRO B 208 -11.82 -20.80 3.74
N GLY B 209 -12.28 -21.89 3.14
CA GLY B 209 -13.44 -21.86 2.29
C GLY B 209 -13.20 -21.30 0.91
N VAL B 210 -11.94 -21.08 0.52
CA VAL B 210 -11.66 -20.37 -0.71
C VAL B 210 -12.06 -21.23 -1.90
N GLU B 211 -12.68 -20.59 -2.88
CA GLU B 211 -13.06 -21.19 -4.15
C GLU B 211 -11.97 -20.88 -5.17
N VAL B 212 -11.35 -21.92 -5.70
CA VAL B 212 -10.34 -21.75 -6.73
C VAL B 212 -11.02 -21.57 -8.08
N VAL B 213 -10.62 -20.52 -8.81
CA VAL B 213 -11.17 -20.20 -10.13
C VAL B 213 -9.98 -20.26 -11.08
N ASP B 214 -9.86 -21.36 -11.82
CA ASP B 214 -8.72 -21.61 -12.70
C ASP B 214 -9.11 -21.31 -14.14
N LEU B 215 -8.54 -20.24 -14.68
CA LEU B 215 -8.79 -19.82 -16.05
C LEU B 215 -7.75 -20.33 -17.03
N ARG B 216 -6.88 -21.23 -16.59
CA ARG B 216 -5.87 -21.81 -17.47
C ARG B 216 -6.49 -22.83 -18.43
O1 MES C . -9.12 11.39 12.84
C2 MES C . -8.75 10.43 11.85
C3 MES C . -8.39 11.12 10.54
N4 MES C . -7.34 12.09 10.86
C5 MES C . -7.74 13.12 11.82
C6 MES C . -9.11 12.73 12.34
C7 MES C . -6.67 12.62 9.67
C8 MES C . -5.65 11.55 9.30
S MES C . -5.47 11.43 7.65
O1S MES C . -6.07 12.60 6.98
O2S MES C . -4.04 11.37 7.32
O3S MES C . -6.15 10.19 7.18
C1 GOL D . 6.40 20.13 9.59
O1 GOL D . 5.71 21.27 9.17
C2 GOL D . 6.13 19.94 11.10
O2 GOL D . 6.90 18.92 11.65
C3 GOL D . 6.44 21.30 11.74
O3 GOL D . 7.36 21.05 12.78
O1 MES E . -6.09 -9.05 -16.77
C2 MES E . -5.69 -10.28 -16.18
C3 MES E . -6.25 -10.44 -14.80
N4 MES E . -5.86 -9.28 -13.97
C5 MES E . -6.34 -8.04 -14.63
C6 MES E . -5.70 -7.94 -15.98
C7 MES E . -6.35 -9.39 -12.56
C8 MES E . -5.72 -8.25 -11.83
S MES E . -5.92 -8.26 -10.13
O1S MES E . -7.33 -8.18 -9.94
O2S MES E . -5.20 -7.17 -9.57
O3S MES E . -5.33 -9.49 -9.79
C FMT F . -1.66 2.36 -30.64
O1 FMT F . -1.62 3.59 -30.59
O2 FMT F . -2.73 1.75 -30.69
C FMT G . 3.14 -23.46 -3.47
O1 FMT G . 3.98 -23.06 -2.66
O2 FMT G . 2.60 -22.70 -4.26
#